data_5H69
#
_entry.id   5H69
#
_cell.length_a   77.144
_cell.length_b   77.144
_cell.length_c   114.795
_cell.angle_alpha   90.000
_cell.angle_beta   90.000
_cell.angle_gamma   90.000
#
_symmetry.space_group_name_H-M   'P 41'
#
loop_
_entity.id
_entity.type
_entity.pdbx_description
1 polymer 'Chromosome partition protein Smc'
2 water water
#
_entity_poly.entity_id   1
_entity_poly.type   'polypeptide(L)'
_entity_poly.pdbx_seq_one_letter_code
;GPHMAAQKTELEQHEALLHQARQYRQQTKARQQWLEEMQHDYSGFVQGVKEVLKARDLLPGIHGAIVELIRVPDRYETAI
ETALGGAMQHIVVDSEQAARQAIHYLKTNGYGRATFLPLDVIKARALSERERAAIDRHPAFVGIASELVEYDRAYRAAIA
HLLGHVIVTADLKGANELAKLLHYRYRLVTLDGDVVSPGGAMTGGGAAKKTASLLSRNRELEMLSAKLQEMDETIARLER
AVAAKRHELAEQEAQAAALQE
;
_entity_poly.pdbx_strand_id   A,B
#
# COMPACT_ATOMS: atom_id res chain seq x y z
N HIS A 3 18.30 -28.80 -62.05
CA HIS A 3 17.33 -28.37 -61.04
C HIS A 3 17.49 -29.18 -59.76
N MET A 4 18.40 -30.15 -59.78
CA MET A 4 18.81 -30.80 -58.54
C MET A 4 19.43 -29.80 -57.58
N ALA A 5 19.96 -28.68 -58.10
CA ALA A 5 20.52 -27.65 -57.24
C ALA A 5 19.43 -26.94 -56.44
N ALA A 6 18.27 -26.70 -57.04
CA ALA A 6 17.20 -26.04 -56.30
C ALA A 6 16.71 -26.90 -55.14
N GLN A 7 16.79 -28.23 -55.29
CA GLN A 7 16.37 -29.14 -54.23
C GLN A 7 17.40 -29.21 -53.12
N LYS A 8 18.69 -29.21 -53.45
CA LYS A 8 19.72 -29.18 -52.42
C LYS A 8 19.62 -27.93 -51.57
N THR A 9 19.32 -26.79 -52.21
CA THR A 9 19.19 -25.54 -51.47
C THR A 9 17.96 -25.58 -50.56
N GLU A 10 16.86 -26.14 -51.03
CA GLU A 10 15.69 -26.27 -50.16
C GLU A 10 15.98 -27.22 -48.99
N LEU A 11 16.79 -28.26 -49.24
CA LEU A 11 17.19 -29.17 -48.17
C LEU A 11 18.06 -28.46 -47.14
N GLU A 12 19.07 -27.69 -47.59
CA GLU A 12 19.89 -26.93 -46.65
C GLU A 12 19.06 -25.94 -45.84
N GLN A 13 18.02 -25.35 -46.45
CA GLN A 13 17.14 -24.44 -45.70
C GLN A 13 16.45 -25.18 -44.55
N HIS A 14 15.85 -26.33 -44.85
CA HIS A 14 15.13 -27.05 -43.81
C HIS A 14 16.07 -27.56 -42.73
N GLU A 15 17.27 -27.96 -43.09
CA GLU A 15 18.23 -28.37 -42.07
C GLU A 15 18.63 -27.20 -41.18
N ALA A 16 18.81 -26.02 -41.77
CA ALA A 16 19.13 -24.84 -40.98
C ALA A 16 17.98 -24.44 -40.07
N LEU A 17 16.74 -24.49 -40.59
CA LEU A 17 15.59 -24.16 -39.75
C LEU A 17 15.45 -25.13 -38.59
N LEU A 18 15.64 -26.43 -38.86
CA LEU A 18 15.55 -27.46 -37.83
C LEU A 18 16.59 -27.23 -36.74
N HIS A 19 17.83 -26.90 -37.13
CA HIS A 19 18.86 -26.67 -36.13
C HIS A 19 18.51 -25.47 -35.26
N GLN A 20 18.16 -24.35 -35.89
CA GLN A 20 17.85 -23.14 -35.12
C GLN A 20 16.62 -23.35 -34.24
N ALA A 21 15.62 -24.09 -34.75
CA ALA A 21 14.43 -24.33 -33.94
C ALA A 21 14.75 -25.20 -32.71
N ARG A 22 15.67 -26.16 -32.85
CA ARG A 22 16.04 -27.01 -31.73
C ARG A 22 16.72 -26.19 -30.63
N GLN A 23 17.67 -25.34 -31.02
CA GLN A 23 18.35 -24.47 -30.05
C GLN A 23 17.35 -23.52 -29.39
N TYR A 24 16.43 -22.97 -30.19
CA TYR A 24 15.42 -22.05 -29.66
C TYR A 24 14.51 -22.78 -28.69
N ARG A 25 14.04 -23.98 -29.05
CA ARG A 25 13.22 -24.75 -28.13
C ARG A 25 13.95 -25.01 -26.83
N GLN A 26 15.27 -25.24 -26.90
CA GLN A 26 16.00 -25.61 -25.68
C GLN A 26 16.12 -24.43 -24.73
N GLN A 27 16.40 -23.24 -25.25
CA GLN A 27 16.43 -22.05 -24.41
C GLN A 27 15.05 -21.72 -23.85
N THR A 28 13.99 -22.02 -24.61
CA THR A 28 12.64 -21.79 -24.11
C THR A 28 12.32 -22.76 -22.99
N LYS A 29 12.76 -24.02 -23.12
CA LYS A 29 12.54 -25.02 -22.07
C LYS A 29 13.22 -24.60 -20.78
N ALA A 30 14.45 -24.07 -20.88
CA ALA A 30 15.20 -23.67 -19.70
C ALA A 30 14.51 -22.52 -18.99
N ARG A 31 14.04 -21.53 -19.76
CA ARG A 31 13.30 -20.42 -19.19
C ARG A 31 12.05 -20.92 -18.47
N GLN A 32 11.35 -21.89 -19.05
CA GLN A 32 10.19 -22.47 -18.41
C GLN A 32 10.55 -23.08 -17.06
N GLN A 33 11.56 -23.95 -17.05
CA GLN A 33 11.98 -24.61 -15.82
C GLN A 33 12.38 -23.60 -14.75
N TRP A 34 13.19 -22.61 -15.15
CA TRP A 34 13.60 -21.55 -14.22
C TRP A 34 12.40 -20.83 -13.61
N LEU A 35 11.37 -20.53 -14.41
CA LEU A 35 10.21 -19.82 -13.86
C LEU A 35 9.41 -20.72 -12.92
N GLU A 36 9.28 -22.01 -13.27
CA GLU A 36 8.58 -22.94 -12.40
C GLU A 36 9.28 -23.08 -11.04
N GLU A 37 10.60 -22.91 -11.03
CA GLU A 37 11.34 -22.95 -9.78
C GLU A 37 11.03 -21.73 -8.93
N MET A 38 10.94 -20.56 -9.55
CA MET A 38 10.53 -19.34 -8.84
C MET A 38 9.15 -19.52 -8.21
N GLN A 39 8.17 -19.99 -9.01
CA GLN A 39 6.86 -20.33 -8.48
C GLN A 39 6.95 -21.21 -7.24
N HIS A 40 7.68 -22.32 -7.35
CA HIS A 40 7.78 -23.27 -6.23
C HIS A 40 8.43 -22.61 -5.01
N ASP A 41 9.31 -21.64 -5.22
CA ASP A 41 9.95 -20.90 -4.13
C ASP A 41 9.09 -19.78 -3.55
N TYR A 42 7.89 -19.55 -4.09
CA TYR A 42 7.07 -18.38 -3.71
C TYR A 42 7.87 -17.09 -3.85
N SER A 43 8.75 -17.07 -4.84
CA SER A 43 9.56 -15.89 -5.11
C SER A 43 8.69 -14.78 -5.70
N GLY A 44 8.95 -13.54 -5.28
CA GLY A 44 8.14 -12.41 -5.68
C GLY A 44 6.96 -12.11 -4.78
N PHE A 45 6.51 -13.08 -3.98
CA PHE A 45 5.55 -12.77 -2.93
C PHE A 45 6.23 -12.00 -1.80
N VAL A 46 5.53 -11.02 -1.21
CA VAL A 46 6.05 -10.37 -0.01
C VAL A 46 6.23 -11.41 1.11
N GLN A 47 7.12 -11.10 2.05
CA GLN A 47 7.56 -12.07 3.05
C GLN A 47 6.38 -12.70 3.79
N GLY A 48 5.46 -11.87 4.28
CA GLY A 48 4.33 -12.39 5.05
C GLY A 48 3.49 -13.38 4.26
N VAL A 49 3.27 -13.11 2.98
CA VAL A 49 2.47 -14.01 2.15
C VAL A 49 3.25 -15.27 1.84
N LYS A 50 4.53 -15.12 1.50
CA LYS A 50 5.41 -16.27 1.35
C LYS A 50 5.33 -17.18 2.57
N GLU A 51 5.42 -16.61 3.77
CA GLU A 51 5.51 -17.46 4.94
C GLU A 51 4.18 -18.15 5.23
N VAL A 52 3.05 -17.47 4.99
CA VAL A 52 1.76 -18.16 5.16
C VAL A 52 1.62 -19.30 4.15
N LEU A 53 2.03 -19.06 2.91
CA LEU A 53 1.88 -20.11 1.89
C LEU A 53 2.79 -21.30 2.19
N LYS A 54 4.04 -21.06 2.59
CA LYS A 54 4.90 -22.16 3.01
C LYS A 54 4.28 -22.96 4.15
N ALA A 55 3.44 -22.33 4.98
CA ALA A 55 2.78 -23.00 6.10
C ALA A 55 1.35 -23.41 5.81
N ARG A 56 0.95 -23.44 4.54
CA ARG A 56 -0.46 -23.58 4.15
C ARG A 56 -1.08 -24.92 4.53
N ASP A 57 -0.27 -25.92 4.88
CA ASP A 57 -0.76 -27.20 5.38
C ASP A 57 -0.58 -27.36 6.87
N LEU A 58 0.07 -26.40 7.54
CA LEU A 58 0.14 -26.33 8.99
C LEU A 58 -0.92 -25.41 9.57
N LEU A 59 -1.10 -24.24 8.98
CA LEU A 59 -2.17 -23.33 9.39
C LEU A 59 -3.53 -23.84 8.89
N PRO A 60 -4.60 -23.65 9.65
CA PRO A 60 -5.92 -24.08 9.18
C PRO A 60 -6.51 -23.13 8.14
N GLY A 61 -7.34 -23.68 7.26
CA GLY A 61 -8.21 -22.90 6.40
C GLY A 61 -7.54 -22.01 5.38
N ILE A 62 -6.31 -22.32 4.98
CA ILE A 62 -5.59 -21.54 3.97
C ILE A 62 -5.96 -22.07 2.59
N HIS A 63 -6.65 -21.25 1.79
CA HIS A 63 -6.91 -21.65 0.41
C HIS A 63 -5.75 -21.26 -0.50
N GLY A 64 -5.48 -19.96 -0.64
CA GLY A 64 -4.30 -19.51 -1.35
C GLY A 64 -4.42 -18.04 -1.71
N ALA A 65 -3.34 -17.52 -2.27
CA ALA A 65 -3.32 -16.15 -2.77
C ALA A 65 -4.18 -16.04 -4.03
N ILE A 66 -4.74 -14.84 -4.21
CA ILE A 66 -5.63 -14.58 -5.36
C ILE A 66 -4.98 -15.04 -6.66
N VAL A 67 -3.68 -14.74 -6.85
CA VAL A 67 -2.98 -15.07 -8.08
C VAL A 67 -2.91 -16.57 -8.31
N GLU A 68 -2.99 -17.39 -7.26
CA GLU A 68 -3.07 -18.84 -7.37
C GLU A 68 -4.46 -19.34 -7.70
N LEU A 69 -5.48 -18.53 -7.53
CA LEU A 69 -6.85 -19.01 -7.60
C LEU A 69 -7.60 -18.55 -8.83
N ILE A 70 -7.05 -17.61 -9.60
CA ILE A 70 -7.73 -17.11 -10.78
C ILE A 70 -6.89 -17.42 -12.01
N ARG A 71 -7.57 -17.50 -13.14
CA ARG A 71 -6.94 -17.65 -14.44
C ARG A 71 -7.47 -16.54 -15.32
N VAL A 72 -6.59 -15.86 -16.04
CA VAL A 72 -6.94 -14.63 -16.74
C VAL A 72 -6.64 -14.81 -18.21
N PRO A 73 -7.61 -14.56 -19.11
CA PRO A 73 -7.31 -14.62 -20.55
C PRO A 73 -6.27 -13.58 -20.92
N ASP A 74 -5.36 -13.99 -21.81
CA ASP A 74 -4.19 -13.18 -22.15
C ASP A 74 -4.55 -11.73 -22.47
N ARG A 75 -5.63 -11.52 -23.23
CA ARG A 75 -6.01 -10.18 -23.66
C ARG A 75 -6.43 -9.28 -22.50
N TYR A 76 -6.81 -9.86 -21.36
CA TYR A 76 -7.25 -9.12 -20.19
C TYR A 76 -6.19 -9.06 -19.09
N GLU A 77 -5.02 -9.66 -19.31
CA GLU A 77 -4.04 -9.84 -18.23
C GLU A 77 -3.54 -8.49 -17.71
N THR A 78 -3.15 -7.60 -18.61
CA THR A 78 -2.69 -6.28 -18.22
C THR A 78 -3.75 -5.53 -17.41
N ALA A 79 -5.02 -5.58 -17.85
CA ALA A 79 -6.07 -4.85 -17.15
C ALA A 79 -6.29 -5.41 -15.75
N ILE A 80 -6.34 -6.75 -15.63
CA ILE A 80 -6.65 -7.36 -14.34
C ILE A 80 -5.48 -7.21 -13.38
N GLU A 81 -4.26 -7.35 -13.88
CA GLU A 81 -3.08 -7.13 -13.05
C GLU A 81 -3.04 -5.70 -12.53
N THR A 82 -3.39 -4.72 -13.37
CA THR A 82 -3.48 -3.33 -12.93
C THR A 82 -4.64 -3.12 -11.96
N ALA A 83 -5.78 -3.75 -12.23
CA ALA A 83 -6.92 -3.63 -11.34
C ALA A 83 -6.60 -4.20 -9.96
N LEU A 84 -5.92 -5.35 -9.93
CA LEU A 84 -5.64 -6.00 -8.64
C LEU A 84 -4.52 -5.30 -7.89
N GLY A 85 -3.43 -4.95 -8.58
CA GLY A 85 -2.26 -4.45 -7.86
C GLY A 85 -1.82 -5.44 -6.80
N GLY A 86 -1.45 -4.93 -5.63
CA GLY A 86 -1.00 -5.77 -4.53
C GLY A 86 -2.04 -6.76 -4.04
N ALA A 87 -3.31 -6.57 -4.41
CA ALA A 87 -4.34 -7.52 -4.04
C ALA A 87 -4.19 -8.87 -4.74
N MET A 88 -3.32 -9.02 -5.74
CA MET A 88 -3.13 -10.39 -6.20
C MET A 88 -2.40 -11.25 -5.16
N GLN A 89 -1.86 -10.67 -4.09
CA GLN A 89 -1.26 -11.46 -3.02
C GLN A 89 -2.14 -11.61 -1.79
N HIS A 90 -3.38 -11.14 -1.81
CA HIS A 90 -4.28 -11.39 -0.70
C HIS A 90 -4.66 -12.86 -0.65
N ILE A 91 -4.73 -13.39 0.56
CA ILE A 91 -4.86 -14.83 0.81
C ILE A 91 -6.31 -15.13 1.18
N VAL A 92 -6.96 -15.99 0.40
CA VAL A 92 -8.30 -16.43 0.75
C VAL A 92 -8.19 -17.48 1.85
N VAL A 93 -9.03 -17.36 2.89
CA VAL A 93 -9.04 -18.28 4.01
C VAL A 93 -10.47 -18.60 4.38
N ASP A 94 -10.63 -19.65 5.21
CA ASP A 94 -11.99 -20.10 5.57
C ASP A 94 -12.76 -19.02 6.33
N SER A 95 -12.12 -18.36 7.29
CA SER A 95 -12.89 -17.62 8.29
C SER A 95 -12.01 -16.57 8.96
N GLU A 96 -12.67 -15.72 9.74
CA GLU A 96 -11.96 -14.72 10.54
C GLU A 96 -11.01 -15.37 11.52
N GLN A 97 -11.46 -16.44 12.18
CA GLN A 97 -10.59 -17.14 13.11
C GLN A 97 -9.35 -17.67 12.41
N ALA A 98 -9.53 -18.25 11.21
CA ALA A 98 -8.36 -18.70 10.43
C ALA A 98 -7.43 -17.54 10.11
N ALA A 99 -7.98 -16.40 9.67
CA ALA A 99 -7.14 -15.22 9.42
C ALA A 99 -6.41 -14.78 10.69
N ARG A 100 -7.09 -14.81 11.84
CA ARG A 100 -6.44 -14.39 13.07
C ARG A 100 -5.29 -15.32 13.43
N GLN A 101 -5.47 -16.63 13.30
CA GLN A 101 -4.37 -17.56 13.60
C GLN A 101 -3.19 -17.34 12.66
N ALA A 102 -3.46 -17.09 11.37
CA ALA A 102 -2.38 -16.81 10.43
C ALA A 102 -1.66 -15.53 10.79
N ILE A 103 -2.41 -14.49 11.16
CA ILE A 103 -1.78 -13.25 11.60
C ILE A 103 -0.97 -13.47 12.88
N HIS A 104 -1.48 -14.30 13.79
CA HIS A 104 -0.70 -14.61 14.99
C HIS A 104 0.60 -15.31 14.62
N TYR A 105 0.54 -16.23 13.65
CA TYR A 105 1.74 -16.92 13.21
C TYR A 105 2.77 -15.93 12.66
N LEU A 106 2.33 -14.98 11.81
CA LEU A 106 3.26 -14.00 11.28
C LEU A 106 3.86 -13.14 12.38
N LYS A 107 3.02 -12.70 13.31
CA LYS A 107 3.46 -11.81 14.37
C LYS A 107 4.50 -12.49 15.26
N THR A 108 4.22 -13.71 15.71
CA THR A 108 5.12 -14.31 16.69
C THR A 108 6.45 -14.72 16.10
N ASN A 109 6.53 -14.90 14.78
CA ASN A 109 7.79 -15.26 14.15
C ASN A 109 8.49 -14.08 13.48
N GLY A 110 7.89 -12.89 13.52
CA GLY A 110 8.49 -11.77 12.81
C GLY A 110 8.50 -11.94 11.30
N TYR A 111 7.46 -12.58 10.76
CA TYR A 111 7.44 -12.99 9.35
C TYR A 111 6.77 -12.00 8.41
N GLY A 112 6.51 -10.78 8.84
CA GLY A 112 5.91 -9.81 7.93
C GLY A 112 4.40 -9.76 8.02
N ARG A 113 3.79 -9.15 7.01
CA ARG A 113 2.36 -8.84 7.01
C ARG A 113 1.70 -9.41 5.76
N ALA A 114 0.40 -9.64 5.87
CA ALA A 114 -0.39 -10.13 4.74
C ALA A 114 -1.84 -9.72 4.95
N THR A 115 -2.59 -9.69 3.86
CA THR A 115 -4.02 -9.42 3.89
C THR A 115 -4.77 -10.71 3.63
N PHE A 116 -5.83 -10.96 4.40
CA PHE A 116 -6.60 -12.19 4.32
C PHE A 116 -8.03 -11.88 3.92
N LEU A 117 -8.63 -12.78 3.13
CA LEU A 117 -10.01 -12.62 2.69
C LEU A 117 -10.83 -13.75 3.29
N PRO A 118 -11.58 -13.52 4.37
CA PRO A 118 -12.28 -14.62 5.04
C PRO A 118 -13.59 -14.95 4.33
N LEU A 119 -13.68 -16.16 3.79
CA LEU A 119 -14.80 -16.49 2.90
C LEU A 119 -16.14 -16.36 3.60
N ASP A 120 -16.20 -16.71 4.89
CA ASP A 120 -17.50 -16.72 5.55
C ASP A 120 -18.12 -15.32 5.65
N VAL A 121 -17.34 -14.25 5.59
CA VAL A 121 -17.87 -12.91 5.77
C VAL A 121 -17.62 -11.99 4.58
N ILE A 122 -16.58 -12.23 3.78
CA ILE A 122 -16.11 -11.26 2.78
C ILE A 122 -17.26 -10.83 1.86
N LYS A 123 -17.40 -9.52 1.70
CA LYS A 123 -18.55 -8.92 1.03
C LYS A 123 -18.30 -8.74 -0.47
N ALA A 124 -19.19 -9.29 -1.29
CA ALA A 124 -19.15 -9.06 -2.73
C ALA A 124 -19.52 -7.62 -3.07
N ARG A 125 -18.99 -7.15 -4.20
CA ARG A 125 -19.30 -5.82 -4.68
C ARG A 125 -19.83 -5.90 -6.12
N ALA A 126 -20.71 -4.97 -6.46
CA ALA A 126 -21.38 -5.00 -7.75
C ALA A 126 -21.99 -3.63 -8.01
N LEU A 127 -21.98 -3.21 -9.28
CA LEU A 127 -22.74 -2.02 -9.61
C LEU A 127 -24.22 -2.28 -9.40
N SER A 128 -24.99 -1.20 -9.32
CA SER A 128 -26.45 -1.33 -9.34
C SER A 128 -26.90 -1.76 -10.73
N GLU A 129 -28.15 -2.25 -10.79
CA GLU A 129 -28.71 -2.65 -12.08
C GLU A 129 -28.73 -1.49 -13.05
N ARG A 130 -29.14 -0.30 -12.59
CA ARG A 130 -29.18 0.86 -13.47
C ARG A 130 -27.79 1.34 -13.86
N GLU A 131 -26.81 1.22 -12.95
CA GLU A 131 -25.45 1.59 -13.31
C GLU A 131 -24.90 0.67 -14.38
N ARG A 132 -25.09 -0.65 -14.23
CA ARG A 132 -24.68 -1.59 -15.26
C ARG A 132 -25.37 -1.31 -16.59
N ALA A 133 -26.68 -1.01 -16.55
CA ALA A 133 -27.42 -0.73 -17.78
C ALA A 133 -26.86 0.49 -18.51
N ALA A 134 -26.40 1.51 -17.77
CA ALA A 134 -25.90 2.72 -18.41
C ALA A 134 -24.61 2.49 -19.22
N ILE A 135 -23.86 1.45 -18.91
CA ILE A 135 -22.59 1.21 -19.57
C ILE A 135 -22.54 -0.09 -20.36
N ASP A 136 -23.48 -1.02 -20.11
CA ASP A 136 -23.35 -2.40 -20.57
C ASP A 136 -23.19 -2.49 -22.09
N ARG A 137 -23.83 -1.60 -22.83
CA ARG A 137 -23.86 -1.67 -24.29
C ARG A 137 -22.96 -0.63 -24.95
N HIS A 138 -22.13 0.06 -24.16
CA HIS A 138 -21.23 1.06 -24.72
C HIS A 138 -20.15 0.37 -25.55
N PRO A 139 -19.77 0.93 -26.70
CA PRO A 139 -18.77 0.25 -27.56
C PRO A 139 -17.44 0.00 -26.89
N ALA A 140 -17.07 0.77 -25.86
CA ALA A 140 -15.78 0.62 -25.20
C ALA A 140 -15.86 -0.25 -23.96
N PHE A 141 -17.06 -0.64 -23.54
CA PHE A 141 -17.22 -1.53 -22.41
C PHE A 141 -16.71 -2.93 -22.78
N VAL A 142 -15.73 -3.42 -22.01
CA VAL A 142 -15.27 -4.81 -22.13
C VAL A 142 -15.95 -5.69 -21.09
N GLY A 143 -15.94 -5.29 -19.83
CA GLY A 143 -16.61 -6.09 -18.82
C GLY A 143 -16.35 -5.59 -17.43
N ILE A 144 -17.13 -6.13 -16.50
CA ILE A 144 -16.78 -6.05 -15.09
C ILE A 144 -15.59 -6.96 -14.86
N ALA A 145 -14.58 -6.45 -14.16
CA ALA A 145 -13.33 -7.21 -14.01
C ALA A 145 -13.60 -8.62 -13.49
N SER A 146 -14.45 -8.74 -12.47
CA SER A 146 -14.71 -10.05 -11.88
C SER A 146 -15.39 -11.01 -12.85
N GLU A 147 -15.98 -10.49 -13.92
CA GLU A 147 -16.64 -11.34 -14.90
C GLU A 147 -15.73 -11.73 -16.05
N LEU A 148 -14.51 -11.23 -16.09
CA LEU A 148 -13.56 -11.59 -17.13
C LEU A 148 -12.56 -12.65 -16.69
N VAL A 149 -12.62 -13.07 -15.42
CA VAL A 149 -11.62 -13.98 -14.89
C VAL A 149 -12.30 -15.28 -14.49
N GLU A 150 -11.53 -16.36 -14.53
CA GLU A 150 -11.99 -17.70 -14.23
C GLU A 150 -11.48 -18.12 -12.85
N TYR A 151 -12.32 -18.84 -12.12
CA TYR A 151 -12.07 -19.25 -10.74
C TYR A 151 -13.18 -20.23 -10.36
N ASP A 152 -12.91 -21.07 -9.36
CA ASP A 152 -13.95 -21.96 -8.84
C ASP A 152 -15.01 -21.15 -8.10
N ARG A 153 -16.26 -21.63 -8.18
CA ARG A 153 -17.44 -20.93 -7.66
C ARG A 153 -17.30 -20.56 -6.20
N ALA A 154 -16.57 -21.36 -5.42
CA ALA A 154 -16.45 -21.11 -3.99
C ALA A 154 -15.89 -19.72 -3.69
N TYR A 155 -15.05 -19.19 -4.58
CA TYR A 155 -14.38 -17.92 -4.36
C TYR A 155 -15.13 -16.74 -4.97
N ARG A 156 -16.40 -16.92 -5.34
CA ARG A 156 -17.13 -15.90 -6.08
C ARG A 156 -17.22 -14.59 -5.30
N ALA A 157 -17.51 -14.66 -4.00
CA ALA A 157 -17.65 -13.44 -3.21
C ALA A 157 -16.30 -12.78 -3.00
N ALA A 158 -15.24 -13.58 -2.86
CA ALA A 158 -13.91 -13.02 -2.73
C ALA A 158 -13.49 -12.30 -4.01
N ILE A 159 -13.78 -12.89 -5.18
CA ILE A 159 -13.39 -12.24 -6.43
C ILE A 159 -14.23 -10.99 -6.66
N ALA A 160 -15.54 -11.07 -6.39
CA ALA A 160 -16.39 -9.89 -6.55
C ALA A 160 -15.97 -8.77 -5.60
N HIS A 161 -15.55 -9.12 -4.39
CA HIS A 161 -15.09 -8.11 -3.44
C HIS A 161 -13.95 -7.29 -4.02
N LEU A 162 -13.01 -7.95 -4.70
CA LEU A 162 -11.85 -7.26 -5.25
C LEU A 162 -12.14 -6.60 -6.60
N LEU A 163 -13.04 -7.17 -7.41
CA LEU A 163 -13.11 -6.78 -8.81
C LEU A 163 -14.53 -6.53 -9.33
N GLY A 164 -15.56 -6.74 -8.51
CA GLY A 164 -16.93 -6.52 -8.96
C GLY A 164 -17.27 -5.06 -9.21
N HIS A 165 -16.46 -4.15 -8.68
CA HIS A 165 -16.68 -2.72 -8.85
C HIS A 165 -15.61 -2.08 -9.72
N VAL A 166 -14.91 -2.88 -10.52
CA VAL A 166 -13.90 -2.36 -11.44
C VAL A 166 -14.33 -2.67 -12.86
N ILE A 167 -14.34 -1.64 -13.70
CA ILE A 167 -14.81 -1.75 -15.07
C ILE A 167 -13.60 -1.75 -15.99
N VAL A 168 -13.53 -2.74 -16.88
CA VAL A 168 -12.49 -2.84 -17.90
C VAL A 168 -13.02 -2.23 -19.19
N THR A 169 -12.22 -1.35 -19.80
CA THR A 169 -12.63 -0.62 -21.01
C THR A 169 -11.65 -0.89 -22.15
N ALA A 170 -12.13 -0.64 -23.36
CA ALA A 170 -11.30 -0.85 -24.54
C ALA A 170 -10.13 0.13 -24.59
N ASP A 171 -10.37 1.40 -24.27
CA ASP A 171 -9.31 2.41 -24.34
C ASP A 171 -9.67 3.53 -23.37
N LEU A 172 -8.75 4.51 -23.28
CA LEU A 172 -8.85 5.57 -22.28
C LEU A 172 -9.99 6.55 -22.59
N LYS A 173 -10.17 6.89 -23.87
CA LYS A 173 -11.33 7.71 -24.24
C LYS A 173 -12.62 7.04 -23.78
N GLY A 174 -12.73 5.72 -24.00
CA GLY A 174 -13.90 5.01 -23.52
C GLY A 174 -13.99 5.00 -22.01
N ALA A 175 -12.84 4.86 -21.34
CA ALA A 175 -12.83 4.90 -19.88
C ALA A 175 -13.39 6.23 -19.36
N ASN A 176 -13.00 7.34 -19.98
CA ASN A 176 -13.47 8.64 -19.50
C ASN A 176 -14.95 8.85 -19.80
N GLU A 177 -15.44 8.35 -20.95
CA GLU A 177 -16.88 8.38 -21.21
C GLU A 177 -17.64 7.56 -20.18
N LEU A 178 -17.17 6.35 -19.90
CA LEU A 178 -17.84 5.49 -18.93
C LEU A 178 -17.79 6.07 -17.51
N ALA A 179 -16.67 6.70 -17.14
CA ALA A 179 -16.57 7.34 -15.83
C ALA A 179 -17.68 8.36 -15.63
N LYS A 180 -17.88 9.24 -16.62
CA LYS A 180 -18.94 10.25 -16.54
C LYS A 180 -20.31 9.60 -16.44
N LEU A 181 -20.58 8.59 -17.29
CA LEU A 181 -21.84 7.85 -17.19
C LEU A 181 -22.04 7.24 -15.80
N LEU A 182 -20.96 6.95 -15.07
CA LEU A 182 -21.09 6.38 -13.74
C LEU A 182 -20.91 7.42 -12.64
N HIS A 183 -20.95 8.72 -12.98
CA HIS A 183 -20.82 9.80 -12.01
C HIS A 183 -19.54 9.65 -11.20
N TYR A 184 -18.47 9.21 -11.87
CA TYR A 184 -17.13 9.20 -11.28
C TYR A 184 -17.08 8.40 -9.98
N ARG A 185 -17.89 7.33 -9.89
CA ARG A 185 -17.98 6.54 -8.67
C ARG A 185 -17.10 5.30 -8.68
N TYR A 186 -16.57 4.90 -9.82
CA TYR A 186 -15.90 3.62 -9.92
C TYR A 186 -14.55 3.79 -10.60
N ARG A 187 -13.68 2.80 -10.35
CA ARG A 187 -12.39 2.71 -10.98
C ARG A 187 -12.54 1.96 -12.31
N LEU A 188 -11.94 2.50 -13.36
CA LEU A 188 -11.93 1.93 -14.69
C LEU A 188 -10.47 1.62 -15.03
N VAL A 189 -10.25 0.51 -15.74
CA VAL A 189 -8.93 0.13 -16.22
C VAL A 189 -9.02 -0.17 -17.71
N THR A 190 -8.11 0.38 -18.52
CA THR A 190 -8.12 0.00 -19.93
C THR A 190 -7.37 -1.32 -20.16
N LEU A 191 -7.59 -1.89 -21.35
CA LEU A 191 -6.86 -3.09 -21.78
C LEU A 191 -5.35 -2.87 -21.78
N ASP A 192 -4.90 -1.63 -22.01
CA ASP A 192 -3.49 -1.28 -21.99
C ASP A 192 -3.00 -0.87 -20.60
N GLY A 193 -3.83 -0.96 -19.57
CA GLY A 193 -3.36 -0.69 -18.22
C GLY A 193 -3.50 0.73 -17.72
N ASP A 194 -4.12 1.63 -18.47
CA ASP A 194 -4.40 2.97 -17.95
C ASP A 194 -5.56 2.89 -16.97
N VAL A 195 -5.60 3.85 -16.04
CA VAL A 195 -6.55 3.83 -14.94
C VAL A 195 -7.26 5.16 -14.86
N VAL A 196 -8.58 5.11 -14.65
CA VAL A 196 -9.38 6.27 -14.26
C VAL A 196 -9.97 5.95 -12.89
N SER A 197 -9.62 6.76 -11.90
CA SER A 197 -10.10 6.45 -10.56
C SER A 197 -10.86 7.64 -9.98
N PRO A 198 -11.81 7.39 -9.08
CA PRO A 198 -12.50 8.51 -8.44
C PRO A 198 -11.51 9.34 -7.61
N GLY A 199 -11.52 10.65 -7.86
CA GLY A 199 -10.55 11.53 -7.23
C GLY A 199 -9.16 11.48 -7.82
N GLY A 200 -8.98 10.84 -8.98
CA GLY A 200 -7.66 10.66 -9.55
C GLY A 200 -6.96 11.94 -9.98
N ALA A 201 -7.72 13.01 -10.26
CA ALA A 201 -7.09 14.28 -10.60
C ALA A 201 -6.27 14.85 -9.44
N MET A 202 -6.50 14.37 -8.22
CA MET A 202 -5.77 14.85 -7.04
C MET A 202 -4.47 14.10 -6.77
N THR A 203 -4.13 13.11 -7.59
CA THR A 203 -2.86 12.41 -7.49
C THR A 203 -2.14 12.53 -8.83
N GLY A 204 -0.84 12.76 -8.78
CA GLY A 204 -0.06 12.79 -10.00
C GLY A 204 1.34 13.31 -9.75
N GLY A 205 2.01 13.61 -10.86
CA GLY A 205 3.38 14.06 -10.82
C GLY A 205 4.17 13.39 -11.91
N GLY A 206 5.38 12.93 -11.60
CA GLY A 206 6.15 12.14 -12.53
C GLY A 206 5.50 10.80 -12.80
N ALA A 207 6.07 10.08 -13.76
CA ALA A 207 5.51 8.80 -14.15
C ALA A 207 5.74 7.77 -13.04
N ALA A 208 4.65 7.18 -12.54
CA ALA A 208 4.78 6.03 -11.66
C ALA A 208 5.31 4.84 -12.44
N LYS A 209 6.12 3.99 -11.78
CA LYS A 209 6.50 2.73 -12.40
C LYS A 209 6.85 1.74 -11.29
N LYS A 210 5.81 1.25 -10.61
CA LYS A 210 5.93 0.15 -9.66
C LYS A 210 5.73 -1.19 -10.38
N THR A 211 6.02 -2.28 -9.66
CA THR A 211 5.97 -3.61 -10.25
C THR A 211 5.83 -4.64 -9.14
N ALA A 212 4.86 -5.54 -9.27
CA ALA A 212 4.78 -6.74 -8.43
C ALA A 212 4.06 -7.84 -9.22
N SER A 213 4.52 -8.06 -10.47
CA SER A 213 3.69 -8.66 -11.51
C SER A 213 3.71 -10.18 -11.46
N LEU A 214 3.08 -10.72 -10.41
CA LEU A 214 2.98 -12.18 -10.32
C LEU A 214 2.03 -12.73 -11.38
N LEU A 215 1.00 -11.97 -11.74
CA LEU A 215 0.10 -12.41 -12.79
C LEU A 215 0.81 -12.53 -14.13
N SER A 216 1.78 -11.64 -14.38
CA SER A 216 2.52 -11.69 -15.64
C SER A 216 3.45 -12.90 -15.71
N ARG A 217 3.95 -13.39 -14.57
CA ARG A 217 4.69 -14.65 -14.62
C ARG A 217 3.79 -15.80 -15.02
N ASN A 218 2.58 -15.85 -14.47
CA ASN A 218 1.64 -16.88 -14.88
C ASN A 218 1.34 -16.78 -16.37
N ARG A 219 1.18 -15.55 -16.86
CA ARG A 219 0.94 -15.35 -18.29
C ARG A 219 2.11 -15.85 -19.12
N GLU A 220 3.34 -15.53 -18.72
CA GLU A 220 4.49 -15.99 -19.48
C GLU A 220 4.58 -17.52 -19.47
N LEU A 221 4.25 -18.15 -18.34
CA LEU A 221 4.27 -19.61 -18.27
C LEU A 221 3.25 -20.24 -19.22
N GLU A 222 2.06 -19.66 -19.32
CA GLU A 222 1.08 -20.17 -20.28
C GLU A 222 1.56 -19.96 -21.71
N MET A 223 2.24 -18.85 -21.97
CA MET A 223 2.80 -18.61 -23.30
C MET A 223 3.90 -19.61 -23.61
N LEU A 224 4.77 -19.90 -22.63
CA LEU A 224 5.84 -20.88 -22.85
C LEU A 224 5.29 -22.27 -23.08
N SER A 225 4.29 -22.68 -22.29
CA SER A 225 3.66 -23.96 -22.50
C SER A 225 3.12 -24.08 -23.93
N ALA A 226 2.39 -23.06 -24.38
CA ALA A 226 1.81 -23.11 -25.72
C ALA A 226 2.91 -23.04 -26.79
N LYS A 227 3.91 -22.20 -26.57
CA LYS A 227 5.04 -22.11 -27.50
C LYS A 227 5.76 -23.46 -27.62
N LEU A 228 6.02 -24.13 -26.49
CA LEU A 228 6.80 -25.36 -26.52
C LEU A 228 6.07 -26.44 -27.30
N GLN A 229 4.74 -26.51 -27.18
CA GLN A 229 3.97 -27.46 -27.98
C GLN A 229 4.08 -27.14 -29.47
N GLU A 230 3.98 -25.85 -29.83
CA GLU A 230 4.11 -25.45 -31.22
C GLU A 230 5.50 -25.80 -31.75
N MET A 231 6.54 -25.56 -30.96
CA MET A 231 7.89 -25.85 -31.38
C MET A 231 8.12 -27.35 -31.54
N ASP A 232 7.49 -28.17 -30.68
CA ASP A 232 7.59 -29.63 -30.82
C ASP A 232 7.05 -30.07 -32.18
N GLU A 233 5.88 -29.54 -32.59
CA GLU A 233 5.27 -29.91 -33.86
C GLU A 233 6.09 -29.39 -35.04
N THR A 234 6.51 -28.12 -35.00
CA THR A 234 7.43 -27.59 -35.99
C THR A 234 8.66 -28.49 -36.16
N ILE A 235 9.29 -28.86 -35.04
CA ILE A 235 10.49 -29.68 -35.07
C ILE A 235 10.21 -31.03 -35.72
N ALA A 236 9.16 -31.72 -35.27
CA ALA A 236 8.85 -33.02 -35.87
C ALA A 236 8.50 -32.88 -37.35
N ARG A 237 7.82 -31.79 -37.72
CA ARG A 237 7.53 -31.53 -39.12
C ARG A 237 8.83 -31.35 -39.92
N LEU A 238 9.75 -30.54 -39.40
CA LEU A 238 10.98 -30.27 -40.13
C LEU A 238 11.84 -31.53 -40.24
N GLU A 239 11.89 -32.34 -39.17
CA GLU A 239 12.62 -33.60 -39.22
C GLU A 239 12.08 -34.49 -40.34
N ARG A 240 10.76 -34.53 -40.49
CA ARG A 240 10.17 -35.37 -41.53
C ARG A 240 10.43 -34.78 -42.91
N ALA A 241 10.42 -33.44 -43.03
CA ALA A 241 10.68 -32.79 -44.32
C ALA A 241 12.13 -32.99 -44.75
N VAL A 242 13.07 -32.95 -43.80
CA VAL A 242 14.48 -33.14 -44.12
C VAL A 242 14.71 -34.56 -44.64
N ALA A 243 14.18 -35.56 -43.94
CA ALA A 243 14.34 -36.94 -44.40
C ALA A 243 13.60 -37.19 -45.71
N ALA A 244 12.40 -36.60 -45.88
CA ALA A 244 11.67 -36.77 -47.15
C ALA A 244 12.44 -36.17 -48.32
N LYS A 245 12.98 -34.95 -48.14
CA LYS A 245 13.70 -34.30 -49.23
C LYS A 245 15.05 -34.97 -49.47
N ARG A 246 15.75 -35.38 -48.41
CA ARG A 246 17.00 -36.09 -48.60
C ARG A 246 16.76 -37.39 -49.36
N HIS A 247 15.65 -38.06 -49.07
CA HIS A 247 15.33 -39.30 -49.76
C HIS A 247 14.96 -39.03 -51.22
N GLU A 248 14.08 -38.06 -51.46
CA GLU A 248 13.67 -37.78 -52.82
C GLU A 248 14.83 -37.27 -53.67
N LEU A 249 15.81 -36.61 -53.05
CA LEU A 249 16.99 -36.18 -53.81
C LEU A 249 17.84 -37.37 -54.23
N ALA A 250 17.91 -38.42 -53.41
CA ALA A 250 18.73 -39.58 -53.75
C ALA A 250 18.05 -40.50 -54.77
N GLU A 251 16.71 -40.48 -54.85
CA GLU A 251 16.01 -41.23 -55.88
C GLU A 251 16.12 -40.58 -57.25
N GLN A 252 16.50 -39.30 -57.32
CA GLN A 252 16.56 -38.60 -58.59
C GLN A 252 17.96 -38.53 -59.18
N GLU A 253 19.00 -38.77 -58.39
CA GLU A 253 20.33 -38.92 -58.97
C GLU A 253 20.54 -40.31 -59.59
N ALA A 254 19.46 -41.06 -59.85
CA ALA A 254 19.56 -42.27 -60.66
C ALA A 254 19.73 -41.85 -62.12
N HIS B 3 26.55 25.87 62.15
CA HIS B 3 26.61 27.29 61.79
C HIS B 3 26.89 27.46 60.30
N MET B 4 28.14 27.82 59.99
CA MET B 4 28.57 28.01 58.61
C MET B 4 28.88 26.70 57.91
N ALA B 5 29.05 25.60 58.66
CA ALA B 5 29.34 24.32 58.04
C ALA B 5 28.14 23.79 57.26
N ALA B 6 26.94 23.91 57.83
CA ALA B 6 25.74 23.44 57.14
C ALA B 6 25.40 24.33 55.96
N GLN B 7 25.61 25.65 56.11
CA GLN B 7 25.25 26.57 55.05
C GLN B 7 26.20 26.48 53.86
N LYS B 8 27.47 26.17 54.11
CA LYS B 8 28.42 26.00 53.00
C LYS B 8 28.16 24.70 52.25
N THR B 9 27.75 23.65 52.97
CA THR B 9 27.36 22.41 52.31
C THR B 9 26.14 22.62 51.42
N GLU B 10 25.15 23.37 51.92
CA GLU B 10 23.94 23.61 51.14
C GLU B 10 24.23 24.47 49.91
N LEU B 11 25.06 25.50 50.07
CA LEU B 11 25.45 26.31 48.92
C LEU B 11 26.16 25.46 47.87
N GLU B 12 26.92 24.45 48.29
CA GLU B 12 27.62 23.63 47.31
C GLU B 12 26.68 22.66 46.61
N GLN B 13 25.69 22.11 47.32
CA GLN B 13 24.69 21.27 46.66
C GLN B 13 23.97 22.05 45.56
N HIS B 14 23.77 23.35 45.78
CA HIS B 14 22.97 24.17 44.85
C HIS B 14 23.81 24.63 43.67
N GLU B 15 25.05 25.06 43.92
CA GLU B 15 25.94 25.40 42.81
C GLU B 15 26.22 24.19 41.92
N ALA B 16 26.47 23.02 42.53
CA ALA B 16 26.69 21.81 41.74
C ALA B 16 25.44 21.42 40.97
N LEU B 17 24.27 21.46 41.63
CA LEU B 17 23.02 21.13 40.94
C LEU B 17 22.72 22.13 39.84
N LEU B 18 23.12 23.39 40.03
CA LEU B 18 22.98 24.40 38.98
C LEU B 18 23.84 24.05 37.77
N HIS B 19 25.07 23.59 38.01
CA HIS B 19 25.94 23.14 36.92
C HIS B 19 25.35 21.93 36.20
N GLN B 20 24.88 20.93 36.96
CA GLN B 20 24.20 19.80 36.34
C GLN B 20 23.08 20.27 35.40
N ALA B 21 22.23 21.17 35.89
CA ALA B 21 21.03 21.55 35.15
C ALA B 21 21.37 22.32 33.88
N ARG B 22 22.37 23.22 33.95
CA ARG B 22 22.78 23.99 32.79
C ARG B 22 23.32 23.08 31.69
N GLN B 23 24.27 22.19 32.06
CA GLN B 23 24.83 21.29 31.05
C GLN B 23 23.78 20.33 30.53
N TYR B 24 22.90 19.84 31.41
CA TYR B 24 21.80 18.99 30.98
C TYR B 24 20.88 19.73 30.01
N ARG B 25 20.58 21.00 30.31
CA ARG B 25 19.73 21.79 29.42
C ARG B 25 20.38 22.01 28.07
N GLN B 26 21.68 22.29 28.06
CA GLN B 26 22.39 22.44 26.80
C GLN B 26 22.29 21.19 25.94
N GLN B 27 22.46 20.00 26.54
CA GLN B 27 22.34 18.77 25.75
C GLN B 27 20.90 18.54 25.30
N THR B 28 19.91 18.98 26.08
CA THR B 28 18.52 18.84 25.67
C THR B 28 18.19 19.77 24.50
N LYS B 29 18.67 21.02 24.56
CA LYS B 29 18.54 21.93 23.44
C LYS B 29 19.22 21.39 22.18
N ALA B 30 20.37 20.72 22.33
CA ALA B 30 21.04 20.15 21.16
C ALA B 30 20.19 19.07 20.52
N ARG B 31 19.50 18.28 21.34
CA ARG B 31 18.60 17.26 20.80
C ARG B 31 17.41 17.90 20.09
N GLN B 32 16.83 18.94 20.68
CA GLN B 32 15.74 19.66 20.03
C GLN B 32 16.15 20.19 18.66
N GLN B 33 17.37 20.71 18.56
CA GLN B 33 17.80 21.30 17.30
C GLN B 33 18.00 20.24 16.23
N TRP B 34 18.61 19.11 16.61
CA TRP B 34 18.73 17.97 15.70
C TRP B 34 17.38 17.56 15.13
N LEU B 35 16.36 17.45 16.00
CA LEU B 35 15.03 17.06 15.54
C LEU B 35 14.38 18.15 14.68
N GLU B 36 14.53 19.42 15.07
CA GLU B 36 13.97 20.50 14.26
C GLU B 36 14.56 20.50 12.85
N GLU B 37 15.86 20.25 12.75
CA GLU B 37 16.49 20.18 11.44
C GLU B 37 15.92 19.04 10.62
N MET B 38 15.73 17.88 11.24
CA MET B 38 15.16 16.75 10.53
C MET B 38 13.73 17.05 10.09
N GLN B 39 12.93 17.65 10.98
CA GLN B 39 11.57 18.07 10.64
C GLN B 39 11.54 18.97 9.42
N HIS B 40 12.34 20.03 9.43
CA HIS B 40 12.22 21.04 8.39
C HIS B 40 13.05 20.73 7.15
N ASP B 41 13.87 19.68 7.16
CA ASP B 41 14.46 19.10 5.95
C ASP B 41 13.57 18.05 5.31
N TYR B 42 12.42 17.77 5.93
CA TYR B 42 11.51 16.73 5.47
C TYR B 42 12.19 15.37 5.34
N SER B 43 13.12 15.07 6.24
CA SER B 43 13.72 13.76 6.23
C SER B 43 12.69 12.70 6.59
N GLY B 44 12.74 11.58 5.87
CA GLY B 44 11.77 10.53 6.02
C GLY B 44 10.57 10.65 5.11
N PHE B 45 10.44 11.75 4.37
CA PHE B 45 9.32 11.94 3.47
C PHE B 45 9.64 11.37 2.10
N VAL B 46 8.59 10.95 1.40
CA VAL B 46 8.70 10.47 0.04
C VAL B 46 9.13 11.63 -0.90
N GLN B 47 9.83 11.28 -1.98
CA GLN B 47 10.51 12.28 -2.81
C GLN B 47 9.56 13.37 -3.31
N GLY B 48 8.43 12.97 -3.92
CA GLY B 48 7.51 13.95 -4.46
C GLY B 48 6.92 14.84 -3.39
N VAL B 49 6.61 14.27 -2.23
CA VAL B 49 6.09 15.03 -1.10
C VAL B 49 7.14 16.01 -0.59
N LYS B 50 8.38 15.54 -0.45
CA LYS B 50 9.47 16.40 -0.02
C LYS B 50 9.65 17.58 -0.97
N GLU B 51 9.62 17.31 -2.28
CA GLU B 51 9.84 18.39 -3.23
C GLU B 51 8.72 19.42 -3.21
N VAL B 52 7.48 19.00 -2.98
CA VAL B 52 6.39 19.97 -2.91
C VAL B 52 6.54 20.84 -1.67
N LEU B 53 6.84 20.22 -0.53
CA LEU B 53 6.97 20.99 0.69
C LEU B 53 8.19 21.92 0.63
N LYS B 54 9.26 21.50 -0.04
CA LYS B 54 10.39 22.41 -0.27
C LYS B 54 10.02 23.56 -1.19
N ALA B 55 8.91 23.47 -1.93
CA ALA B 55 8.46 24.53 -2.81
C ALA B 55 7.28 25.30 -2.23
N ARG B 56 7.09 25.26 -0.91
CA ARG B 56 6.04 26.04 -0.27
C ARG B 56 6.18 27.53 -0.57
N ASP B 57 7.43 27.99 -0.78
CA ASP B 57 7.74 29.39 -1.02
C ASP B 57 7.65 29.79 -2.49
N LEU B 58 7.31 28.84 -3.37
CA LEU B 58 7.10 29.10 -4.79
C LEU B 58 5.68 28.74 -5.20
N LEU B 59 5.24 27.50 -4.93
CA LEU B 59 3.89 27.08 -5.30
C LEU B 59 2.85 27.76 -4.41
N PRO B 60 1.67 28.03 -4.95
CA PRO B 60 0.57 28.54 -4.13
C PRO B 60 -0.18 27.45 -3.37
N GLY B 61 -0.71 27.83 -2.21
CA GLY B 61 -1.70 27.06 -1.50
C GLY B 61 -1.27 25.81 -0.78
N ILE B 62 0.02 25.65 -0.50
CA ILE B 62 0.52 24.44 0.15
C ILE B 62 0.47 24.62 1.66
N HIS B 63 -0.29 23.75 2.36
CA HIS B 63 -0.35 23.79 3.82
C HIS B 63 0.72 22.89 4.43
N GLY B 64 0.64 21.60 4.20
CA GLY B 64 1.60 20.65 4.75
C GLY B 64 1.10 19.24 4.55
N ALA B 65 1.99 18.28 4.81
CA ALA B 65 1.58 16.89 4.83
C ALA B 65 0.76 16.61 6.07
N ILE B 66 -0.10 15.61 5.99
CA ILE B 66 -1.01 15.27 7.08
C ILE B 66 -0.24 15.04 8.38
N VAL B 67 0.88 14.32 8.33
CA VAL B 67 1.63 14.04 9.55
C VAL B 67 2.06 15.32 10.26
N GLU B 68 2.39 16.38 9.51
CA GLU B 68 2.75 17.66 10.11
C GLU B 68 1.57 18.33 10.80
N LEU B 69 0.35 17.95 10.44
CA LEU B 69 -0.81 18.68 10.93
C LEU B 69 -1.44 18.02 12.16
N ILE B 70 -1.02 16.82 12.53
CA ILE B 70 -1.67 16.14 13.65
C ILE B 70 -0.64 15.83 14.74
N ARG B 71 -1.16 15.68 15.96
CA ARG B 71 -0.38 15.26 17.13
C ARG B 71 -1.10 14.06 17.72
N VAL B 72 -0.36 12.97 17.93
CA VAL B 72 -0.97 11.75 18.45
C VAL B 72 -0.17 11.25 19.65
N PRO B 73 -0.82 10.88 20.75
CA PRO B 73 -0.11 10.25 21.86
C PRO B 73 0.61 8.98 21.41
N ASP B 74 1.67 8.65 22.14
CA ASP B 74 2.48 7.49 21.81
C ASP B 74 1.66 6.21 21.78
N ARG B 75 0.73 6.06 22.73
CA ARG B 75 -0.07 4.83 22.80
C ARG B 75 -0.84 4.57 21.51
N TYR B 76 -1.33 5.62 20.85
CA TYR B 76 -2.21 5.46 19.69
C TYR B 76 -1.47 5.65 18.37
N GLU B 77 -0.14 5.77 18.41
CA GLU B 77 0.61 6.13 17.21
C GLU B 77 0.55 5.03 16.14
N THR B 78 0.76 3.78 16.53
CA THR B 78 0.71 2.72 15.54
C THR B 78 -0.67 2.64 14.89
N ALA B 79 -1.73 2.74 15.69
CA ALA B 79 -3.08 2.69 15.15
C ALA B 79 -3.33 3.81 14.13
N ILE B 80 -2.96 5.04 14.48
CA ILE B 80 -3.20 6.19 13.59
C ILE B 80 -2.35 6.08 12.33
N GLU B 81 -1.06 5.74 12.47
CA GLU B 81 -0.25 5.53 11.26
C GLU B 81 -0.84 4.44 10.39
N THR B 82 -1.34 3.37 10.99
CA THR B 82 -1.92 2.30 10.19
C THR B 82 -3.22 2.76 9.53
N ALA B 83 -4.05 3.47 10.29
CA ALA B 83 -5.30 4.00 9.75
C ALA B 83 -5.04 4.90 8.55
N LEU B 84 -4.01 5.74 8.63
CA LEU B 84 -3.73 6.69 7.54
C LEU B 84 -3.06 6.00 6.36
N GLY B 85 -2.15 5.07 6.60
CA GLY B 85 -1.39 4.47 5.52
C GLY B 85 -0.63 5.54 4.75
N GLY B 86 -0.68 5.46 3.42
CA GLY B 86 -0.02 6.46 2.61
C GLY B 86 -0.51 7.88 2.88
N ALA B 87 -1.71 8.02 3.45
CA ALA B 87 -2.27 9.35 3.68
C ALA B 87 -1.47 10.14 4.71
N MET B 88 -0.58 9.49 5.45
CA MET B 88 0.37 10.20 6.30
C MET B 88 1.05 11.35 5.55
N GLN B 89 1.30 11.16 4.26
CA GLN B 89 2.05 12.13 3.47
C GLN B 89 1.22 12.77 2.37
N HIS B 90 -0.11 12.63 2.42
CA HIS B 90 -0.96 13.42 1.54
C HIS B 90 -0.83 14.89 1.92
N ILE B 91 -0.84 15.77 0.92
CA ILE B 91 -0.54 17.18 1.14
C ILE B 91 -1.84 17.97 1.12
N VAL B 92 -2.13 18.65 2.23
CA VAL B 92 -3.27 19.54 2.30
C VAL B 92 -2.93 20.83 1.55
N VAL B 93 -3.79 21.23 0.62
CA VAL B 93 -3.63 22.44 -0.19
C VAL B 93 -4.94 23.21 -0.18
N ASP B 94 -4.86 24.49 -0.61
CA ASP B 94 -6.03 25.37 -0.54
C ASP B 94 -7.19 24.86 -1.38
N SER B 95 -6.91 24.22 -2.51
CA SER B 95 -7.91 24.10 -3.58
C SER B 95 -7.42 23.08 -4.60
N GLU B 96 -8.34 22.66 -5.47
CA GLU B 96 -7.96 21.73 -6.54
C GLU B 96 -7.01 22.39 -7.53
N GLN B 97 -7.24 23.68 -7.82
CA GLN B 97 -6.30 24.44 -8.63
C GLN B 97 -4.87 24.37 -8.06
N ALA B 98 -4.73 24.60 -6.76
CA ALA B 98 -3.41 24.48 -6.14
C ALA B 98 -2.84 23.07 -6.33
N ALA B 99 -3.68 22.04 -6.18
CA ALA B 99 -3.19 20.69 -6.38
C ALA B 99 -2.67 20.51 -7.80
N ARG B 100 -3.39 21.04 -8.79
CA ARG B 100 -2.96 20.84 -10.16
C ARG B 100 -1.65 21.55 -10.44
N GLN B 101 -1.45 22.74 -9.86
CA GLN B 101 -0.17 23.42 -10.05
C GLN B 101 0.98 22.63 -9.46
N ALA B 102 0.77 22.03 -8.28
CA ALA B 102 1.83 21.22 -7.67
C ALA B 102 2.08 19.96 -8.50
N ILE B 103 1.04 19.38 -9.07
CA ILE B 103 1.21 18.19 -9.91
C ILE B 103 2.05 18.54 -11.14
N HIS B 104 1.68 19.62 -11.83
CA HIS B 104 2.49 20.12 -12.95
C HIS B 104 3.93 20.37 -12.53
N TYR B 105 4.14 21.04 -11.39
CA TYR B 105 5.50 21.27 -10.90
C TYR B 105 6.26 19.96 -10.74
N LEU B 106 5.61 18.93 -10.19
CA LEU B 106 6.29 17.64 -10.03
C LEU B 106 6.54 16.98 -11.39
N LYS B 107 5.53 16.98 -12.26
CA LYS B 107 5.67 16.36 -13.58
C LYS B 107 6.81 17.01 -14.37
N THR B 108 6.78 18.34 -14.47
CA THR B 108 7.77 19.04 -15.28
C THR B 108 9.18 18.76 -14.82
N ASN B 109 9.40 18.76 -13.50
CA ASN B 109 10.75 18.61 -12.97
C ASN B 109 11.15 17.15 -12.78
N GLY B 110 10.24 16.21 -13.01
CA GLY B 110 10.56 14.81 -12.74
C GLY B 110 10.84 14.54 -11.28
N TYR B 111 10.02 15.09 -10.38
CA TYR B 111 10.30 15.12 -8.95
C TYR B 111 9.49 14.10 -8.17
N GLY B 112 8.90 13.10 -8.83
CA GLY B 112 8.12 12.10 -8.13
C GLY B 112 6.63 12.40 -8.16
N ARG B 113 5.91 11.77 -7.23
CA ARG B 113 4.46 11.86 -7.21
C ARG B 113 3.96 12.14 -5.80
N ALA B 114 2.74 12.64 -5.71
CA ALA B 114 2.14 13.01 -4.44
C ALA B 114 0.63 13.04 -4.60
N THR B 115 -0.06 12.91 -3.48
CA THR B 115 -1.52 13.02 -3.45
C THR B 115 -1.92 14.23 -2.62
N PHE B 116 -2.92 14.96 -3.08
CA PHE B 116 -3.29 16.24 -2.52
C PHE B 116 -4.70 16.18 -1.97
N LEU B 117 -4.94 16.95 -0.91
CA LEU B 117 -6.27 17.08 -0.31
C LEU B 117 -6.70 18.53 -0.39
N PRO B 118 -7.64 18.89 -1.27
CA PRO B 118 -8.05 20.30 -1.43
C PRO B 118 -9.00 20.72 -0.30
N LEU B 119 -8.57 21.69 0.47
CA LEU B 119 -9.25 21.99 1.73
C LEU B 119 -10.59 22.70 1.54
N ASP B 120 -10.76 23.44 0.43
CA ASP B 120 -12.03 24.13 0.24
C ASP B 120 -13.17 23.18 -0.10
N VAL B 121 -12.86 21.97 -0.56
CA VAL B 121 -13.84 21.04 -1.08
C VAL B 121 -14.00 19.76 -0.24
N ILE B 122 -12.94 19.29 0.42
CA ILE B 122 -13.00 18.02 1.15
C ILE B 122 -14.10 18.07 2.22
N LYS B 123 -14.84 16.97 2.37
CA LYS B 123 -15.93 16.91 3.33
C LYS B 123 -15.63 15.90 4.44
N ALA B 124 -16.06 16.24 5.66
CA ALA B 124 -15.91 15.36 6.81
C ALA B 124 -16.63 14.04 6.59
N ARG B 125 -16.16 13.01 7.29
CA ARG B 125 -16.97 11.81 7.52
C ARG B 125 -17.18 11.64 9.01
N ALA B 126 -18.24 10.90 9.34
CA ALA B 126 -18.56 10.62 10.73
C ALA B 126 -19.50 9.44 10.77
N LEU B 127 -19.40 8.66 11.85
CA LEU B 127 -20.43 7.67 12.09
C LEU B 127 -21.74 8.38 12.42
N SER B 128 -22.85 7.73 12.05
CA SER B 128 -24.13 8.22 12.54
C SER B 128 -24.19 8.11 14.05
N GLU B 129 -25.15 8.81 14.64
CA GLU B 129 -25.31 8.75 16.09
C GLU B 129 -25.66 7.33 16.55
N ARG B 130 -26.44 6.61 15.74
CA ARG B 130 -26.83 5.26 16.13
C ARG B 130 -25.66 4.30 15.99
N GLU B 131 -24.80 4.51 15.00
CA GLU B 131 -23.61 3.66 14.87
C GLU B 131 -22.67 3.87 16.03
N ARG B 132 -22.40 5.14 16.37
CA ARG B 132 -21.57 5.46 17.52
C ARG B 132 -22.11 4.81 18.79
N ALA B 133 -23.41 4.98 19.05
CA ALA B 133 -24.01 4.35 20.24
C ALA B 133 -23.93 2.84 20.14
N ALA B 134 -23.93 2.30 18.93
CA ALA B 134 -23.84 0.86 18.80
C ALA B 134 -22.49 0.30 19.28
N ILE B 135 -21.44 1.11 19.31
CA ILE B 135 -20.10 0.58 19.54
C ILE B 135 -19.41 1.18 20.75
N ASP B 136 -19.80 2.35 21.23
CA ASP B 136 -18.82 3.09 22.03
C ASP B 136 -18.76 2.61 23.46
N ARG B 137 -19.54 1.60 23.85
CA ARG B 137 -19.37 0.94 25.14
C ARG B 137 -18.97 -0.52 24.99
N HIS B 138 -18.70 -0.97 23.77
CA HIS B 138 -18.14 -2.30 23.56
C HIS B 138 -16.78 -2.42 24.26
N PRO B 139 -16.48 -3.57 24.89
CA PRO B 139 -15.22 -3.68 25.64
C PRO B 139 -13.95 -3.56 24.79
N ALA B 140 -13.99 -3.71 23.47
CA ALA B 140 -12.76 -3.56 22.70
C ALA B 140 -12.63 -2.19 22.09
N PHE B 141 -13.63 -1.33 22.24
CA PHE B 141 -13.63 -0.01 21.62
C PHE B 141 -12.57 0.86 22.27
N VAL B 142 -11.71 1.47 21.47
CA VAL B 142 -10.77 2.46 21.97
C VAL B 142 -11.22 3.87 21.61
N GLY B 143 -11.58 4.09 20.37
CA GLY B 143 -12.01 5.44 20.03
C GLY B 143 -12.21 5.58 18.54
N ILE B 144 -12.92 6.62 18.12
CA ILE B 144 -12.89 7.08 16.74
C ILE B 144 -11.54 7.70 16.45
N ALA B 145 -10.94 7.32 15.31
CA ALA B 145 -9.55 7.68 15.04
C ALA B 145 -9.35 9.19 15.05
N SER B 146 -10.30 9.94 14.49
CA SER B 146 -10.16 11.39 14.48
C SER B 146 -10.24 12.00 15.87
N GLU B 147 -10.85 11.32 16.83
CA GLU B 147 -10.95 11.85 18.19
C GLU B 147 -9.74 11.50 19.04
N LEU B 148 -8.82 10.71 18.52
CA LEU B 148 -7.60 10.31 19.21
C LEU B 148 -6.41 11.19 18.84
N VAL B 149 -6.57 12.14 17.92
CA VAL B 149 -5.50 13.03 17.50
C VAL B 149 -5.91 14.47 17.74
N GLU B 150 -4.91 15.36 17.83
CA GLU B 150 -5.16 16.79 17.90
C GLU B 150 -4.65 17.47 16.64
N TYR B 151 -5.24 18.62 16.33
CA TYR B 151 -5.00 19.33 15.09
C TYR B 151 -5.71 20.66 15.18
N ASP B 152 -5.27 21.61 14.37
CA ASP B 152 -5.91 22.91 14.35
C ASP B 152 -7.27 22.82 13.66
N ARG B 153 -8.22 23.63 14.17
CA ARG B 153 -9.61 23.56 13.71
C ARG B 153 -9.74 23.76 12.21
N ALA B 154 -8.82 24.52 11.61
CA ALA B 154 -8.87 24.74 10.16
C ALA B 154 -8.85 23.43 9.38
N TYR B 155 -8.26 22.37 9.95
CA TYR B 155 -8.13 21.09 9.26
C TYR B 155 -9.19 20.07 9.67
N ARG B 156 -10.24 20.49 10.38
CA ARG B 156 -11.17 19.52 10.96
C ARG B 156 -11.83 18.67 9.87
N ALA B 157 -12.24 19.29 8.76
CA ALA B 157 -12.91 18.53 7.71
C ALA B 157 -11.95 17.57 7.01
N ALA B 158 -10.68 17.95 6.86
CA ALA B 158 -9.69 17.04 6.28
C ALA B 158 -9.41 15.85 7.18
N ILE B 159 -9.32 16.08 8.50
CA ILE B 159 -8.99 14.98 9.40
C ILE B 159 -10.20 14.08 9.62
N ALA B 160 -11.41 14.66 9.71
CA ALA B 160 -12.62 13.86 9.74
C ALA B 160 -12.77 13.03 8.47
N HIS B 161 -12.38 13.60 7.32
CA HIS B 161 -12.45 12.87 6.06
C HIS B 161 -11.58 11.60 6.10
N LEU B 162 -10.35 11.72 6.62
CA LEU B 162 -9.43 10.59 6.64
C LEU B 162 -9.70 9.64 7.81
N LEU B 163 -10.24 10.15 8.91
CA LEU B 163 -10.23 9.38 10.15
C LEU B 163 -11.54 9.42 10.93
N GLY B 164 -12.55 10.17 10.48
CA GLY B 164 -13.79 10.21 11.25
C GLY B 164 -14.62 8.95 11.14
N HIS B 165 -14.31 8.09 10.18
CA HIS B 165 -15.00 6.84 9.92
C HIS B 165 -14.07 5.65 10.16
N VAL B 166 -13.04 5.83 10.98
CA VAL B 166 -12.10 4.76 11.32
C VAL B 166 -12.19 4.52 12.82
N ILE B 167 -12.43 3.27 13.22
CA ILE B 167 -12.55 2.92 14.63
C ILE B 167 -11.26 2.26 15.10
N VAL B 168 -10.77 2.67 16.26
CA VAL B 168 -9.62 2.03 16.90
C VAL B 168 -10.13 1.06 17.95
N THR B 169 -9.67 -0.19 17.90
CA THR B 169 -10.07 -1.23 18.83
C THR B 169 -8.83 -1.74 19.55
N ALA B 170 -9.06 -2.44 20.66
CA ALA B 170 -7.94 -2.92 21.47
C ALA B 170 -7.25 -4.15 20.89
N ASP B 171 -7.96 -4.95 20.09
CA ASP B 171 -7.39 -6.18 19.56
C ASP B 171 -8.14 -6.54 18.30
N LEU B 172 -7.61 -7.55 17.61
CA LEU B 172 -8.11 -7.89 16.28
C LEU B 172 -9.47 -8.57 16.36
N LYS B 173 -9.64 -9.47 17.34
CA LYS B 173 -10.96 -10.01 17.60
C LYS B 173 -11.98 -8.91 17.86
N GLY B 174 -11.59 -7.88 18.60
CA GLY B 174 -12.49 -6.75 18.81
C GLY B 174 -12.82 -6.00 17.53
N ALA B 175 -11.84 -5.86 16.64
CA ALA B 175 -12.15 -5.26 15.35
C ALA B 175 -13.15 -6.11 14.57
N ASN B 176 -13.00 -7.44 14.61
CA ASN B 176 -13.96 -8.31 13.93
C ASN B 176 -15.35 -8.13 14.53
N GLU B 177 -15.44 -8.12 15.86
CA GLU B 177 -16.71 -7.98 16.55
C GLU B 177 -17.41 -6.67 16.19
N LEU B 178 -16.67 -5.55 16.28
CA LEU B 178 -17.27 -4.25 15.99
C LEU B 178 -17.56 -4.09 14.50
N ALA B 179 -16.75 -4.71 13.64
CA ALA B 179 -17.02 -4.65 12.21
C ALA B 179 -18.40 -5.25 11.89
N LYS B 180 -18.75 -6.34 12.59
CA LYS B 180 -20.02 -7.01 12.39
C LYS B 180 -21.17 -6.11 12.83
N LEU B 181 -21.05 -5.54 14.04
CA LEU B 181 -22.02 -4.57 14.50
C LEU B 181 -22.23 -3.43 13.51
N LEU B 182 -21.18 -3.06 12.77
CA LEU B 182 -21.27 -1.96 11.81
C LEU B 182 -21.49 -2.46 10.38
N HIS B 183 -21.82 -3.74 10.20
CA HIS B 183 -22.12 -4.28 8.86
C HIS B 183 -20.95 -4.13 7.90
N TYR B 184 -19.73 -4.15 8.45
CA TYR B 184 -18.51 -4.09 7.65
C TYR B 184 -18.45 -2.85 6.76
N ARG B 185 -19.11 -1.78 7.19
CA ARG B 185 -19.08 -0.52 6.44
C ARG B 185 -17.78 0.27 6.62
N TYR B 186 -17.03 0.02 7.70
CA TYR B 186 -15.95 0.92 8.08
C TYR B 186 -14.65 0.19 8.35
N ARG B 187 -13.56 0.96 8.27
CA ARG B 187 -12.24 0.45 8.59
C ARG B 187 -12.02 0.51 10.10
N LEU B 188 -11.46 -0.57 10.65
CA LEU B 188 -11.08 -0.65 12.06
C LEU B 188 -9.61 -0.99 12.14
N VAL B 189 -8.92 -0.40 13.11
CA VAL B 189 -7.49 -0.61 13.31
C VAL B 189 -7.28 -0.92 14.78
N THR B 190 -6.39 -1.87 15.06
CA THR B 190 -6.09 -2.22 16.43
C THR B 190 -4.91 -1.40 16.94
N LEU B 191 -4.74 -1.41 18.26
CA LEU B 191 -3.62 -0.69 18.87
C LEU B 191 -2.28 -1.18 18.33
N ASP B 192 -2.22 -2.45 17.93
CA ASP B 192 -1.01 -3.08 17.41
C ASP B 192 -0.88 -2.97 15.89
N GLY B 193 -1.82 -2.36 15.20
CA GLY B 193 -1.66 -2.13 13.77
C GLY B 193 -2.30 -3.15 12.84
N ASP B 194 -3.11 -4.08 13.33
CA ASP B 194 -3.88 -4.93 12.44
C ASP B 194 -5.12 -4.18 11.96
N VAL B 195 -5.67 -4.63 10.83
CA VAL B 195 -6.71 -3.87 10.13
C VAL B 195 -7.86 -4.78 9.72
N VAL B 196 -9.09 -4.32 9.94
CA VAL B 196 -10.27 -4.89 9.30
C VAL B 196 -10.80 -3.81 8.36
N SER B 197 -10.73 -4.09 7.07
CA SER B 197 -11.13 -3.06 6.11
C SER B 197 -12.61 -3.18 5.82
N PRO B 198 -13.24 -2.14 5.27
CA PRO B 198 -14.63 -2.28 4.80
C PRO B 198 -14.79 -3.54 3.95
N GLY B 199 -15.83 -4.32 4.24
CA GLY B 199 -16.07 -5.56 3.54
C GLY B 199 -15.54 -6.80 4.24
N GLY B 200 -14.62 -6.64 5.18
CA GLY B 200 -14.18 -7.74 5.99
C GLY B 200 -12.81 -8.29 5.70
N ALA B 201 -12.05 -7.69 4.80
CA ALA B 201 -10.66 -8.09 4.63
C ALA B 201 -9.86 -7.77 5.90
N MET B 202 -8.87 -8.59 6.20
CA MET B 202 -8.11 -8.51 7.44
C MET B 202 -6.62 -8.47 7.13
N THR B 203 -5.91 -7.48 7.67
CA THR B 203 -4.48 -7.31 7.42
C THR B 203 -3.72 -7.31 8.74
N GLY B 204 -2.60 -8.02 8.79
CA GLY B 204 -1.80 -8.00 10.01
C GLY B 204 -0.55 -8.84 9.92
N GLY B 205 0.17 -8.87 11.03
CA GLY B 205 1.45 -9.55 11.12
C GLY B 205 2.39 -8.71 11.96
N GLY B 206 3.64 -8.55 11.54
CA GLY B 206 4.53 -7.58 12.17
C GLY B 206 5.98 -8.02 12.19
N ALA B 207 6.90 -7.06 12.03
CA ALA B 207 8.34 -7.37 11.87
C ALA B 207 8.58 -8.56 10.93
N ALA B 212 10.72 3.58 13.25
CA ALA B 212 10.52 4.92 13.81
C ALA B 212 9.51 5.69 12.96
N SER B 213 8.43 6.17 13.59
CA SER B 213 7.32 6.82 12.91
C SER B 213 7.56 8.33 12.79
N LEU B 214 7.18 8.89 11.64
CA LEU B 214 7.18 10.34 11.49
C LEU B 214 6.34 11.01 12.56
N LEU B 215 5.30 10.33 13.04
CA LEU B 215 4.40 10.90 14.07
C LEU B 215 5.10 11.15 15.39
N SER B 216 6.18 10.42 15.70
CA SER B 216 6.85 10.63 16.97
C SER B 216 7.72 11.90 16.97
N ARG B 217 7.88 12.55 15.82
CA ARG B 217 8.81 13.66 15.75
C ARG B 217 8.24 14.90 16.41
N ASN B 218 7.03 15.33 15.99
CA ASN B 218 6.51 16.52 16.65
C ASN B 218 6.07 16.22 18.08
N ARG B 219 5.82 14.95 18.42
CA ARG B 219 5.54 14.64 19.83
C ARG B 219 6.79 14.80 20.67
N GLU B 220 7.93 14.24 20.21
CA GLU B 220 9.15 14.45 20.99
C GLU B 220 9.53 15.93 20.99
N LEU B 221 9.31 16.65 19.88
CA LEU B 221 9.65 18.07 19.86
C LEU B 221 8.82 18.83 20.89
N GLU B 222 7.52 18.56 20.95
CA GLU B 222 6.68 19.21 21.96
C GLU B 222 7.13 18.85 23.37
N MET B 223 7.54 17.59 23.57
CA MET B 223 8.07 17.17 24.87
C MET B 223 9.36 17.91 25.21
N LEU B 224 10.29 17.96 24.26
CA LEU B 224 11.53 18.69 24.50
C LEU B 224 11.24 20.15 24.84
N SER B 225 10.25 20.74 24.15
CA SER B 225 9.88 22.14 24.40
C SER B 225 9.41 22.34 25.83
N ALA B 226 8.48 21.51 26.29
CA ALA B 226 7.99 21.63 27.67
C ALA B 226 9.10 21.36 28.68
N LYS B 227 9.97 20.39 28.39
CA LYS B 227 11.06 20.08 29.32
C LYS B 227 12.06 21.22 29.39
N LEU B 228 12.33 21.87 28.24
CA LEU B 228 13.21 23.03 28.23
C LEU B 228 12.65 24.17 29.09
N GLN B 229 11.35 24.43 29.00
CA GLN B 229 10.76 25.45 29.86
C GLN B 229 10.89 25.05 31.32
N GLU B 230 10.67 23.77 31.63
CA GLU B 230 10.83 23.29 32.99
C GLU B 230 12.26 23.48 33.49
N MET B 231 13.25 23.19 32.63
CA MET B 231 14.65 23.33 33.04
C MET B 231 15.05 24.79 33.22
N ASP B 232 14.47 25.70 32.43
CA ASP B 232 14.80 27.12 32.61
C ASP B 232 14.28 27.63 33.93
N GLU B 233 13.16 27.08 34.42
CA GLU B 233 12.66 27.46 35.74
C GLU B 233 13.36 26.68 36.86
N THR B 234 13.75 25.43 36.61
CA THR B 234 14.66 24.77 37.53
C THR B 234 15.94 25.58 37.70
N ILE B 235 16.50 26.08 36.60
CA ILE B 235 17.72 26.87 36.66
C ILE B 235 17.48 28.18 37.42
N ALA B 236 16.39 28.88 37.09
CA ALA B 236 16.08 30.13 37.79
C ALA B 236 15.93 29.88 39.29
N ARG B 237 15.22 28.81 39.68
CA ARG B 237 15.08 28.48 41.08
C ARG B 237 16.43 28.20 41.72
N LEU B 238 17.30 27.45 41.03
CA LEU B 238 18.61 27.12 41.60
C LEU B 238 19.49 28.35 41.72
N GLU B 239 19.39 29.30 40.78
CA GLU B 239 20.13 30.55 40.93
C GLU B 239 19.62 31.38 42.09
N ARG B 240 18.32 31.32 42.37
CA ARG B 240 17.78 32.02 43.54
C ARG B 240 18.30 31.37 44.82
N ALA B 241 18.29 30.04 44.88
CA ALA B 241 18.82 29.35 46.07
C ALA B 241 20.29 29.65 46.29
N VAL B 242 21.06 29.74 45.20
CA VAL B 242 22.47 30.09 45.32
C VAL B 242 22.63 31.53 45.79
N ALA B 243 21.87 32.46 45.19
CA ALA B 243 21.90 33.85 45.65
C ALA B 243 21.42 33.97 47.09
N ALA B 244 20.45 33.15 47.48
CA ALA B 244 19.90 33.21 48.83
C ALA B 244 20.92 32.77 49.86
N LYS B 245 21.39 31.51 49.78
CA LYS B 245 22.34 30.99 50.75
C LYS B 245 23.67 31.74 50.74
N ARG B 246 23.97 32.49 49.67
CA ARG B 246 25.11 33.41 49.70
C ARG B 246 24.77 34.64 50.55
N HIS B 247 23.56 35.19 50.39
CA HIS B 247 23.22 36.45 51.06
C HIS B 247 23.28 36.31 52.60
N GLU B 248 22.47 35.42 53.18
CA GLU B 248 22.56 35.16 54.62
C GLU B 248 23.99 34.83 55.05
N LEU B 249 24.73 34.10 54.20
CA LEU B 249 26.09 33.70 54.57
C LEU B 249 27.07 34.85 54.48
N ALA B 250 26.85 35.80 53.57
CA ALA B 250 27.79 36.91 53.39
C ALA B 250 27.83 37.85 54.59
N GLU B 251 26.81 37.83 55.44
CA GLU B 251 26.76 38.74 56.59
C GLU B 251 26.33 38.00 57.84
#